data_4C6H
#
_entry.id   4C6H
#
_cell.length_a   64.450
_cell.length_b   71.410
_cell.length_c   59.750
_cell.angle_alpha   90.00
_cell.angle_beta   90.00
_cell.angle_gamma   90.00
#
_symmetry.space_group_name_H-M   'P 21 21 2'
#
loop_
_entity.id
_entity.type
_entity.pdbx_description
1 polymer 'HALOALKANE DEHALOGENASE'
2 non-polymer 'CHLORIDE ION'
3 non-polymer 'TRIETHYLENE GLYCOL'
4 non-polymer HEXAN-1-OL
5 water water
#
_entity_poly.entity_id   1
_entity_poly.type   'polypeptide(L)'
_entity_poly.pdbx_seq_one_letter_code
;TTSFRDKKKFATVHGKQMAYIEEGTGDPIVFLHGNPMSSYLWRNIMPHLAGKGRLIAPDLIGMGDSDKLDNSGPDSYTFA
EHCTYLFALLEQLGVTENVTLVIHDWGSGLGFHWAHTHSDAVKGIAFMEAIVETRESWDAFPERAREMFQALRSPAGEEM
VLEKNLFVEALVPGSILRDLTEEEMNEYRRPFANAGEDRRPTLTFPRQVPIEGQPKDVTELVDAYVDWLGQTSIPKLFIN
ADPGVLITGEVRDRVRSWPNLTEVTVAGLHFIQEDSPDEIGAAVRDWHASL
;
_entity_poly.pdbx_strand_id   A
#
loop_
_chem_comp.id
_chem_comp.type
_chem_comp.name
_chem_comp.formula
CL non-polymer 'CHLORIDE ION' 'Cl -1'
HE2 non-polymer HEXAN-1-OL 'C6 H14 O'
PGE non-polymer 'TRIETHYLENE GLYCOL' 'C6 H14 O4'
#
# COMPACT_ATOMS: atom_id res chain seq x y z
N THR A 1 3.63 -23.60 16.37
CA THR A 1 3.98 -22.78 15.16
C THR A 1 4.06 -21.29 15.52
N THR A 2 4.98 -20.57 14.87
CA THR A 2 5.14 -19.13 15.10
C THR A 2 4.20 -18.32 14.22
N SER A 3 3.26 -17.60 14.85
CA SER A 3 2.28 -16.79 14.12
C SER A 3 2.90 -15.50 13.58
N PHE A 4 2.15 -14.81 12.72
CA PHE A 4 2.67 -13.61 12.09
C PHE A 4 2.86 -12.48 13.08
N ARG A 5 1.81 -12.18 13.87
CA ARG A 5 1.88 -11.20 14.97
CA ARG A 5 1.88 -11.20 14.95
C ARG A 5 3.16 -11.38 15.79
N ASP A 6 3.51 -12.63 16.08
CA ASP A 6 4.71 -12.97 16.86
C ASP A 6 6.05 -12.49 16.29
N LYS A 7 6.16 -12.39 14.97
CA LYS A 7 7.41 -12.00 14.34
C LYS A 7 7.68 -10.48 14.34
N LYS A 8 6.73 -9.69 14.85
CA LYS A 8 6.83 -8.23 14.72
C LYS A 8 7.70 -7.55 15.77
N LYS A 9 8.39 -6.51 15.30
CA LYS A 9 9.13 -5.61 16.16
CA LYS A 9 9.15 -5.59 16.13
C LYS A 9 8.31 -4.35 16.36
N PHE A 10 8.68 -3.55 17.34
CA PHE A 10 7.89 -2.38 17.69
C PHE A 10 8.76 -1.15 17.89
N ALA A 11 8.28 -0.02 17.42
CA ALA A 11 8.97 1.26 17.58
C ALA A 11 8.00 2.29 18.16
N THR A 12 8.51 3.18 19.00
CA THR A 12 7.68 4.24 19.54
C THR A 12 7.80 5.50 18.68
N VAL A 13 6.67 5.89 18.07
CA VAL A 13 6.64 6.99 17.11
C VAL A 13 5.60 7.98 17.55
N HIS A 14 6.03 9.21 17.85
CA HIS A 14 5.13 10.20 18.48
C HIS A 14 4.30 9.61 19.62
N GLY A 15 4.94 8.78 20.45
CA GLY A 15 4.28 8.17 21.60
C GLY A 15 3.40 6.96 21.31
N LYS A 16 3.23 6.62 20.03
CA LYS A 16 2.40 5.48 19.63
C LYS A 16 3.29 4.32 19.19
N GLN A 17 2.89 3.08 19.49
CA GLN A 17 3.69 1.92 19.05
C GLN A 17 3.32 1.64 17.60
N MET A 18 4.35 1.47 16.76
CA MET A 18 4.16 1.05 15.36
C MET A 18 4.86 -0.27 15.19
N ALA A 19 4.12 -1.24 14.64
CA ALA A 19 4.64 -2.59 14.42
C ALA A 19 5.22 -2.72 13.06
N TYR A 20 6.23 -3.56 12.93
CA TYR A 20 6.83 -3.81 11.61
C TYR A 20 7.60 -5.10 11.62
N ILE A 21 7.71 -5.68 10.44
CA ILE A 21 8.62 -6.77 10.20
C ILE A 21 9.95 -6.20 9.77
N GLU A 22 11.04 -6.70 10.36
CA GLU A 22 12.36 -6.40 9.86
C GLU A 22 13.26 -7.64 9.90
N GLU A 23 13.83 -7.98 8.74
CA GLU A 23 14.74 -9.12 8.63
CA GLU A 23 14.72 -9.13 8.61
C GLU A 23 15.91 -8.86 7.69
N GLY A 24 17.11 -9.28 8.11
CA GLY A 24 18.28 -9.19 7.23
C GLY A 24 19.06 -7.90 7.42
N THR A 25 20.18 -7.80 6.72
CA THR A 25 21.06 -6.63 6.82
C THR A 25 21.35 -6.10 5.42
N GLY A 26 21.73 -4.84 5.35
CA GLY A 26 22.09 -4.26 4.06
C GLY A 26 21.21 -3.06 3.83
N ASP A 27 21.08 -2.68 2.57
CA ASP A 27 20.24 -1.53 2.21
C ASP A 27 18.76 -1.93 2.33
N PRO A 28 17.89 -0.97 2.67
CA PRO A 28 16.50 -1.35 2.96
C PRO A 28 15.66 -1.66 1.73
N ILE A 29 14.80 -2.68 1.87
CA ILE A 29 13.81 -3.01 0.85
C ILE A 29 12.51 -2.93 1.64
N VAL A 30 11.72 -1.90 1.33
CA VAL A 30 10.60 -1.47 2.19
C VAL A 30 9.29 -1.78 1.49
N PHE A 31 8.47 -2.60 2.14
CA PHE A 31 7.20 -3.10 1.57
C PHE A 31 6.05 -2.34 2.20
N LEU A 32 5.25 -1.59 1.41
CA LEU A 32 4.19 -0.73 2.01
C LEU A 32 2.82 -1.21 1.59
N HIS A 33 2.06 -1.69 2.56
CA HIS A 33 0.66 -2.09 2.30
C HIS A 33 -0.27 -0.89 2.22
N GLY A 34 -1.51 -1.16 1.81
CA GLY A 34 -2.57 -0.14 1.82
C GLY A 34 -3.85 -0.61 2.53
N ASN A 35 -5.01 -0.22 2.02
CA ASN A 35 -6.26 -0.41 2.77
C ASN A 35 -6.99 -1.68 2.29
N PRO A 36 -7.51 -2.50 3.23
CA PRO A 36 -7.51 -2.47 4.69
C PRO A 36 -6.55 -3.53 5.24
N MET A 37 -5.33 -3.52 4.73
CA MET A 37 -4.41 -4.62 4.94
C MET A 37 -3.35 -4.32 5.99
N SER A 38 -2.27 -5.10 6.01
CA SER A 38 -1.15 -4.91 6.93
C SER A 38 0.08 -5.51 6.30
N SER A 39 1.16 -5.54 7.07
CA SER A 39 2.37 -6.19 6.58
C SER A 39 2.16 -7.64 6.18
N TYR A 40 1.08 -8.27 6.70
CA TYR A 40 0.76 -9.65 6.36
C TYR A 40 0.58 -9.86 4.85
N LEU A 41 0.18 -8.79 4.16
CA LEU A 41 -0.01 -8.81 2.70
C LEU A 41 1.27 -9.22 1.98
N TRP A 42 2.42 -8.95 2.60
CA TRP A 42 3.72 -9.22 1.97
C TRP A 42 4.36 -10.54 2.40
N ARG A 43 3.64 -11.30 3.23
CA ARG A 43 4.24 -12.53 3.81
C ARG A 43 4.79 -13.54 2.80
N ASN A 44 4.14 -13.68 1.64
CA ASN A 44 4.56 -14.67 0.66
C ASN A 44 5.49 -14.10 -0.42
N ILE A 45 5.71 -12.78 -0.36
CA ILE A 45 6.60 -12.14 -1.30
CA ILE A 45 6.55 -12.00 -1.28
C ILE A 45 7.97 -11.88 -0.68
N MET A 46 8.00 -11.49 0.59
CA MET A 46 9.29 -11.27 1.28
C MET A 46 10.32 -12.40 1.19
N PRO A 47 9.90 -13.69 1.28
CA PRO A 47 10.94 -14.75 1.20
C PRO A 47 11.71 -14.78 -0.11
N HIS A 48 11.13 -14.25 -1.19
CA HIS A 48 11.83 -14.14 -2.47
C HIS A 48 12.98 -13.13 -2.44
N LEU A 49 12.97 -12.25 -1.44
CA LEU A 49 14.04 -11.24 -1.29
C LEU A 49 14.95 -11.54 -0.10
N ALA A 50 14.77 -12.70 0.54
CA ALA A 50 15.59 -13.01 1.71
C ALA A 50 17.07 -13.05 1.32
N GLY A 51 17.89 -12.38 2.13
CA GLY A 51 19.31 -12.29 1.88
C GLY A 51 19.70 -11.26 0.82
N LYS A 52 18.72 -10.46 0.36
CA LYS A 52 19.01 -9.45 -0.68
C LYS A 52 19.11 -8.05 -0.11
N GLY A 53 18.72 -7.90 1.14
CA GLY A 53 18.78 -6.62 1.82
C GLY A 53 18.05 -6.68 3.13
N ARG A 54 17.91 -5.52 3.74
CA ARG A 54 17.23 -5.35 4.99
CA ARG A 54 17.21 -5.40 5.01
C ARG A 54 15.73 -5.18 4.70
N LEU A 55 14.95 -6.25 4.88
CA LEU A 55 13.52 -6.25 4.53
C LEU A 55 12.71 -5.64 5.64
N ILE A 56 11.94 -4.60 5.30
CA ILE A 56 11.14 -3.90 6.29
C ILE A 56 9.70 -3.80 5.78
N ALA A 57 8.76 -4.26 6.58
CA ALA A 57 7.33 -4.18 6.21
C ALA A 57 6.54 -3.62 7.39
N PRO A 58 6.29 -2.30 7.39
CA PRO A 58 5.59 -1.68 8.52
C PRO A 58 4.09 -1.85 8.46
N ASP A 59 3.45 -1.84 9.62
CA ASP A 59 2.02 -1.67 9.70
C ASP A 59 1.73 -0.19 9.87
N LEU A 60 0.93 0.38 8.96
CA LEU A 60 0.53 1.77 9.08
C LEU A 60 -0.19 2.02 10.42
N ILE A 61 -0.15 3.27 10.88
CA ILE A 61 -0.83 3.60 12.15
C ILE A 61 -2.31 3.20 12.08
N GLY A 62 -2.80 2.62 13.17
CA GLY A 62 -4.21 2.19 13.23
C GLY A 62 -4.48 0.85 12.54
N MET A 63 -3.42 0.23 12.00
CA MET A 63 -3.60 -1.00 11.22
C MET A 63 -2.63 -2.10 11.66
N GLY A 64 -2.89 -3.34 11.28
CA GLY A 64 -2.00 -4.44 11.70
C GLY A 64 -1.90 -4.41 13.23
N ASP A 65 -0.66 -4.46 13.69
CA ASP A 65 -0.40 -4.44 15.14
C ASP A 65 0.08 -3.09 15.63
N SER A 66 -0.04 -2.06 14.79
CA SER A 66 0.24 -0.71 15.22
C SER A 66 -0.89 -0.20 16.11
N ASP A 67 -0.55 0.71 17.02
CA ASP A 67 -1.53 1.34 17.88
C ASP A 67 -2.64 2.05 17.11
N LYS A 68 -3.81 2.04 17.74
CA LYS A 68 -4.89 2.92 17.33
C LYS A 68 -4.62 4.33 17.88
N LEU A 69 -5.07 5.33 17.14
CA LEU A 69 -5.03 6.72 17.60
C LEU A 69 -6.07 7.01 18.67
N ASP A 70 -5.79 8.03 19.48
CA ASP A 70 -6.69 8.46 20.55
C ASP A 70 -7.78 9.33 19.99
N ASN A 71 -8.96 9.27 20.64
CA ASN A 71 -10.18 9.95 20.20
CA ASN A 71 -10.13 10.01 20.20
C ASN A 71 -10.29 10.04 18.69
N SER A 72 -10.31 8.86 18.09
CA SER A 72 -10.47 8.70 16.67
C SER A 72 -11.87 9.18 16.25
N GLY A 73 -11.91 9.88 15.14
CA GLY A 73 -13.18 10.25 14.51
C GLY A 73 -13.01 10.51 13.03
N PRO A 74 -13.97 11.21 12.40
CA PRO A 74 -13.94 11.42 10.94
C PRO A 74 -12.76 12.23 10.41
N ASP A 75 -12.03 12.94 11.27
CA ASP A 75 -10.83 13.66 10.84
C ASP A 75 -9.53 12.88 11.04
N SER A 76 -9.66 11.64 11.51
CA SER A 76 -8.49 10.84 11.88
C SER A 76 -8.07 9.94 10.73
N TYR A 77 -6.78 9.63 10.72
CA TYR A 77 -6.19 8.70 9.72
C TYR A 77 -6.24 9.20 8.27
N THR A 78 -6.10 10.51 8.07
CA THR A 78 -5.98 11.06 6.73
C THR A 78 -4.60 10.67 6.17
N PHE A 79 -4.43 10.82 4.86
CA PHE A 79 -3.12 10.61 4.24
C PHE A 79 -2.02 11.39 4.96
N ALA A 80 -2.27 12.68 5.26
CA ALA A 80 -1.27 13.52 5.94
C ALA A 80 -0.84 12.91 7.26
N GLU A 81 -1.80 12.41 8.03
CA GLU A 81 -1.51 11.82 9.33
C GLU A 81 -0.73 10.50 9.16
N HIS A 82 -1.11 9.71 8.16
CA HIS A 82 -0.32 8.51 7.88
C HIS A 82 1.14 8.85 7.52
N CYS A 83 1.36 9.92 6.76
CA CYS A 83 2.71 10.39 6.44
C CYS A 83 3.47 10.72 7.71
N THR A 84 2.83 11.48 8.59
CA THR A 84 3.48 11.85 9.85
C THR A 84 4.05 10.63 10.57
N TYR A 85 3.23 9.60 10.77
CA TYR A 85 3.67 8.41 11.50
C TYR A 85 4.65 7.56 10.70
N LEU A 86 4.31 7.25 9.45
CA LEU A 86 5.18 6.36 8.68
C LEU A 86 6.54 7.00 8.40
N PHE A 87 6.55 8.30 8.08
CA PHE A 87 7.79 8.92 7.66
C PHE A 87 8.74 9.00 8.87
N ALA A 88 8.16 9.25 10.04
CA ALA A 88 8.92 9.28 11.29
C ALA A 88 9.45 7.88 11.61
N LEU A 89 8.63 6.85 11.44
CA LEU A 89 9.11 5.48 11.64
C LEU A 89 10.29 5.18 10.73
N LEU A 90 10.17 5.55 9.45
CA LEU A 90 11.24 5.28 8.50
C LEU A 90 12.54 5.98 8.90
N GLU A 91 12.44 7.22 9.39
CA GLU A 91 13.62 7.93 9.87
CA GLU A 91 13.63 7.92 9.87
C GLU A 91 14.23 7.20 11.07
N GLN A 92 13.39 6.76 11.99
CA GLN A 92 13.86 6.04 13.19
C GLN A 92 14.54 4.71 12.84
N LEU A 93 14.11 4.07 11.74
CA LEU A 93 14.69 2.81 11.33
C LEU A 93 15.91 3.02 10.45
N GLY A 94 16.32 4.27 10.27
CA GLY A 94 17.48 4.57 9.42
C GLY A 94 17.30 4.23 7.95
N VAL A 95 16.07 4.35 7.47
CA VAL A 95 15.77 4.20 6.04
C VAL A 95 16.01 5.57 5.41
N THR A 96 17.24 5.77 4.90
CA THR A 96 17.64 7.10 4.45
C THR A 96 18.36 7.16 3.13
N GLU A 97 18.83 6.01 2.64
CA GLU A 97 19.63 5.94 1.44
C GLU A 97 19.54 4.57 0.77
N ASN A 98 19.71 4.57 -0.55
CA ASN A 98 19.73 3.34 -1.34
CA ASN A 98 19.71 3.35 -1.37
C ASN A 98 18.50 2.48 -1.06
N VAL A 99 17.34 3.14 -0.98
CA VAL A 99 16.08 2.48 -0.58
C VAL A 99 15.37 1.85 -1.81
N THR A 100 14.97 0.59 -1.69
CA THR A 100 14.09 -0.03 -2.69
C THR A 100 12.71 -0.07 -2.08
N LEU A 101 11.73 0.45 -2.82
CA LEU A 101 10.35 0.50 -2.34
C LEU A 101 9.54 -0.53 -3.13
N VAL A 102 8.68 -1.27 -2.42
CA VAL A 102 7.77 -2.26 -3.02
C VAL A 102 6.40 -1.89 -2.46
N ILE A 103 5.53 -1.37 -3.34
CA ILE A 103 4.38 -0.58 -2.83
C ILE A 103 3.08 -0.91 -3.54
N HIS A 104 1.98 -0.72 -2.82
CA HIS A 104 0.64 -1.12 -3.29
C HIS A 104 -0.42 -0.19 -2.70
N ASP A 105 -1.42 0.18 -3.51
CA ASP A 105 -2.62 0.89 -2.99
C ASP A 105 -2.21 2.13 -2.22
N TRP A 106 -2.78 2.39 -1.05
CA TRP A 106 -2.34 3.57 -0.28
C TRP A 106 -0.89 3.51 0.16
N GLY A 107 -0.30 2.30 0.25
CA GLY A 107 1.16 2.18 0.48
C GLY A 107 1.94 2.80 -0.67
N SER A 108 1.37 2.77 -1.89
CA SER A 108 1.99 3.43 -3.02
C SER A 108 1.82 4.95 -3.01
N GLY A 109 0.68 5.46 -2.52
CA GLY A 109 0.56 6.90 -2.33
C GLY A 109 1.64 7.37 -1.36
N LEU A 110 1.77 6.64 -0.26
CA LEU A 110 2.79 6.97 0.74
C LEU A 110 4.20 6.82 0.19
N GLY A 111 4.45 5.71 -0.50
CA GLY A 111 5.78 5.44 -0.99
C GLY A 111 6.19 6.38 -2.12
N PHE A 112 5.28 6.61 -3.06
CA PHE A 112 5.60 7.56 -4.14
C PHE A 112 5.84 8.96 -3.58
N HIS A 113 5.00 9.37 -2.63
CA HIS A 113 5.20 10.69 -2.01
C HIS A 113 6.52 10.75 -1.24
N TRP A 114 6.82 9.70 -0.48
CA TRP A 114 8.15 9.60 0.17
C TRP A 114 9.30 9.70 -0.85
N ALA A 115 9.25 8.92 -1.93
CA ALA A 115 10.32 8.94 -2.92
C ALA A 115 10.47 10.33 -3.56
N HIS A 116 9.34 10.94 -3.88
CA HIS A 116 9.32 12.27 -4.48
C HIS A 116 10.03 13.27 -3.57
N THR A 117 9.78 13.19 -2.27
CA THR A 117 10.36 14.15 -1.29
C THR A 117 11.73 13.70 -0.74
N HIS A 118 12.19 12.51 -1.14
CA HIS A 118 13.50 11.97 -0.78
C HIS A 118 14.13 11.36 -2.03
N SER A 119 14.14 12.14 -3.11
CA SER A 119 14.42 11.60 -4.45
C SER A 119 15.86 11.10 -4.67
N ASP A 120 16.78 11.54 -3.83
CA ASP A 120 18.15 11.09 -3.92
C ASP A 120 18.42 9.82 -3.06
N ALA A 121 17.39 9.36 -2.35
CA ALA A 121 17.52 8.24 -1.38
C ALA A 121 17.04 6.93 -1.99
N VAL A 122 16.60 6.96 -3.25
CA VAL A 122 15.84 5.82 -3.80
C VAL A 122 16.58 5.06 -4.87
N LYS A 123 16.76 3.77 -4.62
CA LYS A 123 17.44 2.85 -5.54
C LYS A 123 16.49 2.33 -6.65
N GLY A 124 15.21 2.18 -6.30
CA GLY A 124 14.23 1.63 -7.27
C GLY A 124 12.87 1.56 -6.62
N ILE A 125 11.83 1.56 -7.47
CA ILE A 125 10.46 1.49 -6.99
C ILE A 125 9.73 0.41 -7.76
N ALA A 126 9.27 -0.63 -7.03
CA ALA A 126 8.39 -1.63 -7.62
C ALA A 126 6.99 -1.33 -7.13
N PHE A 127 6.04 -1.26 -8.05
CA PHE A 127 4.70 -0.87 -7.66
C PHE A 127 3.66 -1.69 -8.37
N MET A 128 2.49 -1.81 -7.75
CA MET A 128 1.39 -2.62 -8.33
C MET A 128 0.10 -2.07 -7.79
N GLU A 129 -0.93 -2.04 -8.65
CA GLU A 129 -2.27 -1.64 -8.18
C GLU A 129 -2.19 -0.39 -7.32
N ALA A 130 -1.57 0.62 -7.93
CA ALA A 130 -1.04 1.78 -7.24
C ALA A 130 -1.83 3.05 -7.55
N ILE A 131 -1.59 4.08 -6.73
CA ILE A 131 -2.19 5.39 -6.91
C ILE A 131 -1.31 6.20 -7.88
N VAL A 132 -1.75 6.23 -9.13
CA VAL A 132 -0.91 6.74 -10.21
C VAL A 132 -1.60 7.82 -11.02
N GLU A 133 -2.76 8.26 -10.54
CA GLU A 133 -3.50 9.33 -11.18
C GLU A 133 -4.45 9.96 -10.17
N THR A 134 -4.94 11.14 -10.50
CA THR A 134 -6.08 11.73 -9.82
C THR A 134 -7.22 11.65 -10.83
N ARG A 135 -8.43 11.47 -10.34
CA ARG A 135 -9.57 11.31 -11.24
C ARG A 135 -10.36 12.58 -11.34
N GLU A 136 -10.57 13.07 -12.57
CA GLU A 136 -11.31 14.31 -12.81
CA GLU A 136 -11.31 14.31 -12.81
C GLU A 136 -12.82 14.08 -12.71
N SER A 137 -13.22 12.82 -12.80
CA SER A 137 -14.62 12.45 -12.82
C SER A 137 -14.81 11.10 -12.19
N TRP A 138 -15.96 10.89 -11.57
CA TRP A 138 -16.39 9.54 -11.18
C TRP A 138 -16.48 8.53 -12.33
N ASP A 139 -16.64 9.01 -13.57
CA ASP A 139 -16.63 8.15 -14.75
C ASP A 139 -15.32 7.38 -14.88
N ALA A 140 -14.24 7.96 -14.36
CA ALA A 140 -12.92 7.34 -14.45
C ALA A 140 -12.65 6.31 -13.34
N PHE A 141 -13.60 6.17 -12.40
CA PHE A 141 -13.39 5.28 -11.27
C PHE A 141 -13.74 3.84 -11.65
N PRO A 142 -13.05 2.82 -11.05
CA PRO A 142 -13.33 1.42 -11.42
C PRO A 142 -14.81 1.03 -11.32
N GLU A 143 -15.34 0.42 -12.38
CA GLU A 143 -16.78 0.14 -12.45
C GLU A 143 -17.21 -0.77 -11.31
N ARG A 144 -16.38 -1.75 -10.99
CA ARG A 144 -16.76 -2.71 -9.96
C ARG A 144 -16.83 -2.13 -8.53
N ALA A 145 -16.25 -0.96 -8.33
CA ALA A 145 -16.13 -0.35 -7.00
C ALA A 145 -16.88 0.98 -6.88
N ARG A 146 -17.45 1.48 -7.96
CA ARG A 146 -18.03 2.85 -7.92
C ARG A 146 -19.17 3.01 -6.91
N GLU A 147 -20.17 2.14 -6.95
CA GLU A 147 -21.28 2.27 -5.99
C GLU A 147 -20.79 2.21 -4.55
N MET A 148 -19.89 1.28 -4.28
CA MET A 148 -19.33 1.14 -2.93
C MET A 148 -18.62 2.42 -2.50
N PHE A 149 -17.75 2.95 -3.34
CA PHE A 149 -16.98 4.13 -2.93
C PHE A 149 -17.83 5.38 -2.81
N GLN A 150 -18.84 5.52 -3.67
CA GLN A 150 -19.73 6.65 -3.53
C GLN A 150 -20.47 6.61 -2.21
N ALA A 151 -20.86 5.39 -1.78
CA ALA A 151 -21.58 5.25 -0.51
C ALA A 151 -20.64 5.45 0.68
N LEU A 152 -19.40 4.98 0.56
CA LEU A 152 -18.42 5.18 1.64
C LEU A 152 -18.11 6.66 1.87
N ARG A 153 -18.14 7.43 0.81
CA ARG A 153 -17.75 8.82 0.89
C ARG A 153 -18.93 9.66 1.39
N SER A 154 -20.08 9.02 1.53
CA SER A 154 -21.30 9.68 2.02
C SER A 154 -21.49 9.47 3.51
N PRO A 155 -22.55 10.07 4.10
CA PRO A 155 -22.83 9.79 5.51
C PRO A 155 -23.07 8.31 5.85
N ALA A 156 -23.41 7.50 4.85
CA ALA A 156 -23.61 6.05 5.02
C ALA A 156 -22.33 5.32 5.44
N GLY A 157 -21.18 5.97 5.21
CA GLY A 157 -19.88 5.32 5.39
C GLY A 157 -19.63 4.81 6.81
N GLU A 158 -20.03 5.58 7.82
CA GLU A 158 -19.79 5.14 9.19
C GLU A 158 -20.50 3.81 9.47
N GLU A 159 -21.76 3.70 9.12
CA GLU A 159 -22.47 2.45 9.32
C GLU A 159 -21.85 1.31 8.49
N MET A 160 -21.53 1.58 7.22
CA MET A 160 -20.90 0.56 6.39
C MET A 160 -19.60 0.00 6.93
N VAL A 161 -18.77 0.85 7.57
CA VAL A 161 -17.42 0.45 8.01
C VAL A 161 -17.32 0.24 9.53
N LEU A 162 -17.67 1.26 10.32
CA LEU A 162 -17.55 1.15 11.78
C LEU A 162 -18.44 0.03 12.34
N GLU A 163 -19.63 -0.11 11.78
CA GLU A 163 -20.56 -1.14 12.23
C GLU A 163 -20.46 -2.42 11.44
N LYS A 164 -20.42 -2.33 10.11
CA LYS A 164 -20.57 -3.52 9.25
C LYS A 164 -19.23 -4.03 8.70
N ASN A 165 -18.18 -3.23 8.86
CA ASN A 165 -16.81 -3.64 8.47
C ASN A 165 -16.71 -4.07 7.02
N LEU A 166 -17.41 -3.36 6.14
CA LEU A 166 -17.57 -3.81 4.77
C LEU A 166 -16.30 -3.69 3.93
N PHE A 167 -15.36 -2.81 4.29
CA PHE A 167 -14.11 -2.79 3.53
C PHE A 167 -13.37 -4.14 3.66
N VAL A 168 -13.27 -4.61 4.88
CA VAL A 168 -12.72 -5.95 5.14
C VAL A 168 -13.64 -7.05 4.59
N GLU A 169 -14.93 -7.00 4.94
CA GLU A 169 -15.79 -8.18 4.70
C GLU A 169 -16.32 -8.32 3.29
N ALA A 170 -16.34 -7.24 2.55
CA ALA A 170 -16.84 -7.30 1.18
C ALA A 170 -15.72 -6.97 0.20
N LEU A 171 -15.06 -5.83 0.40
CA LEU A 171 -14.09 -5.43 -0.61
C LEU A 171 -12.88 -6.35 -0.72
N VAL A 172 -12.41 -6.89 0.40
CA VAL A 172 -11.26 -7.82 0.35
C VAL A 172 -11.55 -9.07 -0.51
N PRO A 173 -12.58 -9.87 -0.15
CA PRO A 173 -12.76 -11.07 -0.98
C PRO A 173 -13.17 -10.72 -2.42
N GLY A 174 -13.81 -9.56 -2.60
CA GLY A 174 -14.22 -9.13 -3.96
C GLY A 174 -13.05 -8.80 -4.84
N SER A 175 -11.88 -8.53 -4.24
CA SER A 175 -10.69 -8.04 -4.93
CA SER A 175 -10.77 -8.11 -5.10
C SER A 175 -9.59 -9.08 -5.07
N ILE A 176 -9.93 -10.36 -4.87
CA ILE A 176 -8.99 -11.47 -4.96
C ILE A 176 -9.67 -12.49 -5.86
N LEU A 177 -8.91 -13.10 -6.74
CA LEU A 177 -9.49 -14.14 -7.60
C LEU A 177 -9.78 -15.41 -6.80
N ARG A 178 -8.75 -15.88 -6.06
CA ARG A 178 -8.94 -17.07 -5.20
C ARG A 178 -9.74 -16.73 -3.96
N ASP A 179 -10.03 -17.76 -3.17
CA ASP A 179 -10.56 -17.57 -1.81
C ASP A 179 -9.41 -17.58 -0.84
N LEU A 180 -9.34 -16.58 0.04
CA LEU A 180 -8.41 -16.68 1.17
C LEU A 180 -8.83 -17.83 2.07
N THR A 181 -7.84 -18.42 2.74
CA THR A 181 -8.14 -19.46 3.71
C THR A 181 -8.74 -18.81 4.94
N GLU A 182 -9.34 -19.61 5.81
CA GLU A 182 -9.95 -19.04 7.01
C GLU A 182 -8.88 -18.31 7.84
N GLU A 183 -7.69 -18.93 7.93
CA GLU A 183 -6.61 -18.39 8.73
C GLU A 183 -6.18 -17.01 8.18
N GLU A 184 -5.99 -16.97 6.87
CA GLU A 184 -5.55 -15.74 6.21
C GLU A 184 -6.59 -14.67 6.38
N MET A 185 -7.87 -14.98 6.11
CA MET A 185 -8.90 -13.98 6.31
C MET A 185 -9.02 -13.50 7.78
N ASN A 186 -8.89 -14.41 8.73
CA ASN A 186 -8.93 -14.01 10.12
C ASN A 186 -7.80 -13.06 10.49
N GLU A 187 -6.65 -13.18 9.83
CA GLU A 187 -5.53 -12.24 10.10
C GLU A 187 -5.86 -10.83 9.55
N TYR A 188 -6.54 -10.75 8.39
CA TYR A 188 -6.99 -9.44 7.95
C TYR A 188 -8.08 -8.83 8.84
N ARG A 189 -8.92 -9.70 9.44
CA ARG A 189 -9.99 -9.23 10.27
C ARG A 189 -9.45 -8.71 11.59
N ARG A 190 -8.36 -9.33 12.05
CA ARG A 190 -7.89 -9.18 13.43
C ARG A 190 -7.72 -7.72 13.92
N PRO A 191 -7.08 -6.82 13.12
CA PRO A 191 -6.93 -5.45 13.60
C PRO A 191 -8.25 -4.67 13.66
N PHE A 192 -9.28 -5.23 13.05
CA PHE A 192 -10.56 -4.55 12.87
C PHE A 192 -11.72 -5.36 13.44
N ALA A 193 -11.40 -6.28 14.35
CA ALA A 193 -12.39 -7.22 14.87
C ALA A 193 -13.43 -6.50 15.73
N ASN A 194 -13.00 -5.41 16.38
CA ASN A 194 -13.88 -4.64 17.28
C ASN A 194 -14.64 -3.53 16.54
N ALA A 195 -15.97 -3.56 16.61
CA ALA A 195 -16.80 -2.54 16.02
C ALA A 195 -16.48 -1.15 16.59
N GLY A 196 -16.73 -0.12 15.79
CA GLY A 196 -16.41 1.26 16.17
C GLY A 196 -15.10 1.79 15.60
N GLU A 197 -14.48 2.73 16.30
CA GLU A 197 -13.38 3.52 15.74
C GLU A 197 -12.11 2.73 15.37
N ASP A 198 -11.99 1.51 15.89
CA ASP A 198 -10.84 0.64 15.51
C ASP A 198 -10.81 0.48 13.98
N ARG A 199 -11.99 0.59 13.36
CA ARG A 199 -12.14 0.42 11.90
C ARG A 199 -12.01 1.70 11.10
N ARG A 200 -11.85 2.84 11.77
CA ARG A 200 -11.81 4.14 11.10
C ARG A 200 -10.78 4.26 9.97
N PRO A 201 -9.57 3.67 10.13
CA PRO A 201 -8.62 3.83 9.01
C PRO A 201 -9.18 3.32 7.69
N THR A 202 -10.02 2.27 7.75
CA THR A 202 -10.54 1.67 6.53
C THR A 202 -11.63 2.51 5.86
N LEU A 203 -12.15 3.52 6.59
CA LEU A 203 -13.15 4.47 6.09
C LEU A 203 -12.52 5.82 5.67
N THR A 204 -11.52 6.31 6.41
CA THR A 204 -10.90 7.55 5.99
C THR A 204 -10.15 7.37 4.68
N PHE A 205 -9.52 6.20 4.52
CA PHE A 205 -8.78 5.98 3.26
C PHE A 205 -9.67 6.18 2.00
N PRO A 206 -10.86 5.54 1.93
CA PRO A 206 -11.64 5.74 0.70
C PRO A 206 -12.10 7.18 0.53
N ARG A 207 -12.25 7.87 1.65
CA ARG A 207 -12.61 9.29 1.65
C ARG A 207 -11.46 10.20 1.25
N GLN A 208 -10.24 9.66 1.20
CA GLN A 208 -9.05 10.43 0.82
C GLN A 208 -8.64 10.23 -0.64
N VAL A 209 -9.28 9.27 -1.31
CA VAL A 209 -8.98 9.04 -2.73
C VAL A 209 -9.29 10.32 -3.55
N PRO A 210 -8.33 10.80 -4.36
CA PRO A 210 -8.56 12.08 -5.05
C PRO A 210 -9.51 11.96 -6.25
N ILE A 211 -10.73 12.48 -6.10
CA ILE A 211 -11.75 12.37 -7.16
C ILE A 211 -12.40 13.74 -7.29
N GLU A 212 -12.43 14.28 -8.51
CA GLU A 212 -12.93 15.65 -8.76
C GLU A 212 -12.27 16.69 -7.88
N GLY A 213 -10.95 16.55 -7.68
CA GLY A 213 -10.20 17.53 -6.88
C GLY A 213 -10.36 17.48 -5.38
N GLN A 214 -11.10 16.48 -4.88
CA GLN A 214 -11.31 16.32 -3.44
C GLN A 214 -10.81 14.97 -2.94
N PRO A 215 -10.01 14.94 -1.86
CA PRO A 215 -9.51 16.12 -1.15
C PRO A 215 -8.47 16.89 -1.95
N LYS A 216 -8.44 18.20 -1.75
CA LYS A 216 -7.45 19.03 -2.45
C LYS A 216 -5.99 18.69 -2.14
N ASP A 217 -5.65 18.44 -0.88
CA ASP A 217 -4.25 18.24 -0.54
C ASP A 217 -3.71 16.96 -1.20
N VAL A 218 -4.52 15.89 -1.14
CA VAL A 218 -4.09 14.61 -1.77
C VAL A 218 -4.01 14.74 -3.29
N THR A 219 -5.00 15.40 -3.90
CA THR A 219 -4.98 15.64 -5.32
C THR A 219 -3.67 16.33 -5.73
N GLU A 220 -3.31 17.41 -5.04
CA GLU A 220 -2.10 18.12 -5.41
C GLU A 220 -0.83 17.29 -5.26
N LEU A 221 -0.72 16.51 -4.19
CA LEU A 221 0.53 15.79 -3.98
C LEU A 221 0.65 14.62 -4.93
N VAL A 222 -0.48 13.98 -5.24
CA VAL A 222 -0.46 12.89 -6.25
C VAL A 222 -0.11 13.46 -7.61
N ASP A 223 -0.79 14.53 -8.04
CA ASP A 223 -0.45 15.17 -9.31
C ASP A 223 1.06 15.49 -9.37
N ALA A 224 1.62 15.99 -8.26
CA ALA A 224 3.02 16.37 -8.19
C ALA A 224 3.93 15.15 -8.36
N TYR A 225 3.65 14.06 -7.63
CA TYR A 225 4.53 12.93 -7.78
C TYR A 225 4.36 12.23 -9.10
N VAL A 226 3.15 12.28 -9.70
CA VAL A 226 2.93 11.64 -11.01
C VAL A 226 3.71 12.40 -12.09
N ASP A 227 3.69 13.74 -12.04
CA ASP A 227 4.53 14.55 -12.95
CA ASP A 227 4.53 14.54 -12.96
C ASP A 227 6.00 14.14 -12.82
N TRP A 228 6.46 14.04 -11.56
CA TRP A 228 7.85 13.64 -11.29
C TRP A 228 8.15 12.22 -11.77
N LEU A 229 7.22 11.28 -11.58
CA LEU A 229 7.46 9.90 -12.07
C LEU A 229 7.64 9.80 -13.58
N GLY A 230 7.04 10.73 -14.33
CA GLY A 230 7.20 10.75 -15.79
C GLY A 230 8.54 11.28 -16.25
N GLN A 231 9.34 11.80 -15.31
CA GLN A 231 10.65 12.36 -15.64
C GLN A 231 11.84 11.63 -14.99
N THR A 232 11.67 11.17 -13.75
CA THR A 232 12.80 10.64 -12.96
C THR A 232 13.35 9.37 -13.58
N SER A 233 14.68 9.25 -13.54
CA SER A 233 15.30 8.03 -14.08
C SER A 233 15.37 6.91 -13.02
N ILE A 234 14.81 7.11 -11.83
CA ILE A 234 14.83 6.01 -10.83
C ILE A 234 14.23 4.74 -11.45
N PRO A 235 14.93 3.61 -11.35
CA PRO A 235 14.37 2.40 -11.96
C PRO A 235 13.00 2.05 -11.38
N LYS A 236 12.10 1.64 -12.26
CA LYS A 236 10.71 1.34 -11.88
C LYS A 236 10.35 -0.04 -12.35
N LEU A 237 9.73 -0.83 -11.48
CA LEU A 237 9.16 -2.12 -11.88
C LEU A 237 7.66 -2.00 -11.73
N PHE A 238 6.95 -2.02 -12.85
CA PHE A 238 5.49 -1.99 -12.90
C PHE A 238 4.99 -3.42 -12.96
N ILE A 239 4.42 -3.89 -11.84
CA ILE A 239 3.78 -5.18 -11.85
CA ILE A 239 3.76 -5.20 -11.79
C ILE A 239 2.33 -4.95 -12.22
N ASN A 240 2.05 -5.22 -13.49
CA ASN A 240 0.72 -5.05 -14.07
C ASN A 240 -0.15 -6.25 -13.69
N ALA A 241 -1.42 -6.03 -13.41
CA ALA A 241 -2.36 -7.13 -13.04
C ALA A 241 -3.32 -7.42 -14.20
N ASP A 242 -3.71 -8.69 -14.35
CA ASP A 242 -4.67 -9.12 -15.35
C ASP A 242 -5.82 -9.78 -14.58
N PRO A 243 -7.01 -9.13 -14.54
CA PRO A 243 -7.35 -7.90 -15.26
C PRO A 243 -6.90 -6.62 -14.56
N GLY A 244 -6.59 -6.69 -13.26
CA GLY A 244 -6.32 -5.48 -12.50
C GLY A 244 -7.60 -4.74 -12.13
N VAL A 245 -7.47 -3.67 -11.35
CA VAL A 245 -8.60 -2.85 -10.93
C VAL A 245 -8.24 -1.36 -11.01
N LEU A 246 -7.27 -0.95 -10.20
CA LEU A 246 -6.84 0.47 -10.22
C LEU A 246 -6.06 0.87 -11.45
N ILE A 247 -5.21 -0.01 -11.95
CA ILE A 247 -4.41 0.31 -13.14
C ILE A 247 -4.87 -0.54 -14.32
N THR A 248 -5.73 0.07 -15.14
CA THR A 248 -6.33 -0.62 -16.29
C THR A 248 -6.51 0.42 -17.39
N GLY A 249 -6.84 -0.03 -18.59
CA GLY A 249 -7.25 0.90 -19.65
C GLY A 249 -6.24 2.02 -19.92
N GLU A 250 -6.75 3.25 -20.01
CA GLU A 250 -5.93 4.43 -20.35
C GLU A 250 -4.84 4.69 -19.34
N VAL A 251 -5.14 4.47 -18.06
CA VAL A 251 -4.19 4.66 -16.95
CA VAL A 251 -4.14 4.79 -17.07
C VAL A 251 -2.94 3.82 -17.15
N ARG A 252 -3.16 2.55 -17.50
CA ARG A 252 -2.09 1.64 -17.78
C ARG A 252 -1.21 2.12 -18.94
N ASP A 253 -1.84 2.64 -20.00
CA ASP A 253 -1.07 3.19 -21.12
C ASP A 253 -0.16 4.35 -20.67
N ARG A 254 -0.66 5.17 -19.75
CA ARG A 254 0.12 6.32 -19.27
C ARG A 254 1.31 5.86 -18.41
N VAL A 255 1.06 4.88 -17.54
CA VAL A 255 2.16 4.31 -16.74
C VAL A 255 3.26 3.77 -17.64
N ARG A 256 2.87 3.18 -18.78
CA ARG A 256 3.84 2.53 -19.67
CA ARG A 256 3.84 2.53 -19.67
C ARG A 256 4.76 3.53 -20.37
N SER A 257 4.47 4.81 -20.20
CA SER A 257 5.29 5.87 -20.81
C SER A 257 6.34 6.37 -19.83
N TRP A 258 6.32 5.86 -18.60
CA TRP A 258 7.29 6.36 -17.61
C TRP A 258 8.69 5.88 -17.88
N PRO A 259 9.72 6.69 -17.53
CA PRO A 259 11.09 6.28 -17.89
C PRO A 259 11.68 5.14 -17.07
N ASN A 260 12.60 4.40 -17.68
CA ASN A 260 13.38 3.40 -16.97
C ASN A 260 12.48 2.36 -16.30
N LEU A 261 11.47 1.96 -17.05
CA LEU A 261 10.41 1.08 -16.56
C LEU A 261 10.52 -0.35 -17.07
N THR A 262 10.41 -1.30 -16.15
CA THR A 262 10.33 -2.73 -16.46
C THR A 262 8.89 -3.14 -16.18
N GLU A 263 8.26 -3.93 -17.05
CA GLU A 263 6.87 -4.35 -16.80
C GLU A 263 6.77 -5.86 -16.77
N VAL A 264 6.07 -6.38 -15.77
CA VAL A 264 5.71 -7.79 -15.69
CA VAL A 264 5.68 -7.78 -15.76
C VAL A 264 4.20 -7.85 -15.46
N THR A 265 3.52 -8.81 -16.10
CA THR A 265 2.09 -8.96 -15.83
C THR A 265 1.82 -10.24 -15.06
N VAL A 266 0.97 -10.12 -14.04
CA VAL A 266 0.59 -11.30 -13.23
C VAL A 266 -0.92 -11.36 -13.11
N ALA A 267 -1.48 -12.53 -12.83
CA ALA A 267 -2.92 -12.61 -12.58
C ALA A 267 -3.32 -11.89 -11.30
N GLY A 268 -4.44 -11.16 -11.36
CA GLY A 268 -4.98 -10.52 -10.15
C GLY A 268 -6.02 -9.49 -10.44
N LEU A 269 -6.83 -9.20 -9.42
CA LEU A 269 -7.72 -8.06 -9.42
C LEU A 269 -6.96 -6.94 -8.70
N HIS A 270 -7.20 -6.77 -7.41
CA HIS A 270 -6.54 -5.66 -6.70
C HIS A 270 -5.50 -6.14 -5.69
N PHE A 271 -5.85 -7.09 -4.81
CA PHE A 271 -4.88 -7.58 -3.81
C PHE A 271 -4.11 -8.69 -4.43
N ILE A 272 -3.33 -8.32 -5.44
CA ILE A 272 -2.70 -9.31 -6.31
C ILE A 272 -1.65 -10.19 -5.63
N GLN A 273 -1.12 -9.71 -4.50
CA GLN A 273 -0.19 -10.47 -3.70
C GLN A 273 -0.81 -11.79 -3.25
N GLU A 274 -2.14 -11.85 -3.18
CA GLU A 274 -2.83 -13.07 -2.74
C GLU A 274 -3.05 -14.04 -3.89
N ASP A 275 -2.96 -13.56 -5.12
CA ASP A 275 -3.17 -14.45 -6.26
C ASP A 275 -1.88 -14.90 -6.93
N SER A 276 -0.89 -14.01 -6.97
CA SER A 276 0.33 -14.29 -7.68
C SER A 276 1.60 -13.95 -6.87
N PRO A 277 1.71 -14.43 -5.62
CA PRO A 277 2.85 -14.05 -4.83
C PRO A 277 4.20 -14.52 -5.38
N ASP A 278 4.27 -15.70 -5.97
CA ASP A 278 5.56 -16.19 -6.41
CA ASP A 278 5.55 -16.25 -6.46
C ASP A 278 6.00 -15.48 -7.69
N GLU A 279 5.04 -15.17 -8.55
CA GLU A 279 5.36 -14.40 -9.77
C GLU A 279 5.82 -13.00 -9.39
N ILE A 280 5.14 -12.37 -8.44
CA ILE A 280 5.55 -11.04 -7.97
C ILE A 280 6.92 -11.10 -7.28
N GLY A 281 7.11 -12.06 -6.37
CA GLY A 281 8.38 -12.17 -5.66
C GLY A 281 9.57 -12.38 -6.60
N ALA A 282 9.41 -13.28 -7.56
CA ALA A 282 10.45 -13.60 -8.53
C ALA A 282 10.75 -12.39 -9.40
N ALA A 283 9.70 -11.67 -9.81
CA ALA A 283 9.91 -10.45 -10.62
C ALA A 283 10.66 -9.40 -9.84
N VAL A 284 10.26 -9.16 -8.59
CA VAL A 284 10.96 -8.17 -7.76
C VAL A 284 12.41 -8.58 -7.50
N ARG A 285 12.64 -9.88 -7.22
CA ARG A 285 14.00 -10.40 -6.97
CA ARG A 285 14.00 -10.36 -6.95
C ARG A 285 14.88 -10.18 -8.19
N ASP A 286 14.37 -10.53 -9.36
CA ASP A 286 15.18 -10.49 -10.60
C ASP A 286 15.48 -9.07 -11.03
N TRP A 287 14.49 -8.21 -10.83
CA TRP A 287 14.66 -6.79 -11.18
C TRP A 287 15.63 -6.12 -10.20
N HIS A 288 15.42 -6.33 -8.90
CA HIS A 288 16.32 -5.80 -7.88
C HIS A 288 17.76 -6.27 -8.09
N ALA A 289 17.93 -7.51 -8.52
CA ALA A 289 19.29 -8.04 -8.74
C ALA A 289 20.01 -7.35 -9.91
N SER A 290 19.22 -6.82 -10.85
CA SER A 290 19.70 -6.16 -12.08
C SER A 290 19.98 -4.66 -11.90
N LEU A 291 19.81 -4.15 -10.68
CA LEU A 291 19.99 -2.71 -10.42
C LEU A 291 21.42 -2.33 -10.06
CL CL B . -9.28 3.07 -0.09
C1 PGE C . -26.02 1.02 1.29
O1 PGE C . -26.03 1.30 2.68
C2 PGE C . -24.59 1.18 0.82
O2 PGE C . -24.48 0.86 -0.57
C3 PGE C . -23.95 -0.45 -0.76
C4 PGE C . -22.93 -0.43 -1.90
O4 PGE C . -19.97 -3.25 -4.23
C6 PGE C . -21.13 -3.32 -3.37
C5 PGE C . -21.33 -2.01 -2.60
O3 PGE C . -22.70 -1.78 -2.30
CAA HE2 D . -10.27 -0.52 -4.85
CAA HE2 D . -10.41 -1.36 -3.50
CAC HE2 D . -10.90 0.40 -5.87
CAC HE2 D . -10.25 -1.14 -5.00
CAE HE2 D . -10.49 1.84 -5.60
CAE HE2 D . -10.45 0.31 -5.39
CAG HE2 D . -9.32 1.85 -4.61
CAG HE2 D . -9.51 1.22 -4.59
CAF HE2 D . -8.73 3.25 -4.37
CAF HE2 D . -9.54 2.70 -5.00
CAD HE2 D . -7.72 3.21 -3.22
CAD HE2 D . -8.41 3.46 -4.31
OAB HE2 D . -6.49 3.88 -3.55
OAB HE2 D . -7.51 4.12 -5.24
#